data_2DP8
#
_entry.id   2DP8
#
_cell.length_a   63.082
_cell.length_b   50.437
_cell.length_c   65.790
_cell.angle_alpha   90.00
_cell.angle_beta   107.53
_cell.angle_gamma   90.00
#
_symmetry.space_group_name_H-M   'P 1 21 1'
#
loop_
_entity.id
_entity.type
_entity.pdbx_description
1 polymer Lactotransferrin
2 branched 2-acetamido-2-deoxy-beta-D-glucopyranose-(1-4)-2-acetamido-2-deoxy-beta-D-glucopyranose
3 branched alpha-D-mannopyranose-(1-4)-[alpha-D-mannopyranose-(1-6)]alpha-D-mannopyranose-(1-4)-2-acetamido-2-deoxy-beta-D-glucopyranose-(1-4)-2-acetamido-2-deoxy-beta-D-glucopyranose
4 branched alpha-D-mannopyranose-(1-4)-alpha-D-mannopyranose-(1-4)-alpha-D-mannopyranose-(1-4)-alpha-D-mannopyranose-(1-4)-2-acetamido-2-deoxy-beta-D-glucopyranose-(1-4)-2-acetamido-2-deoxy-beta-D-glucopyranose
5 branched 2-acetamido-2-deoxy-beta-D-glucopyranose-(1-4)-2-acetamido-2-deoxy-beta-D-glucopyranose-(1-4)-2-acetamido-2-deoxy-beta-D-glucopyranose
6 non-polymer 'FE (III) ION'
7 non-polymer 'CARBONATE ION'
8 non-polymer 'ZINC ION'
9 non-polymer 'SULFATE ION'
10 water water
#
_entity_poly.entity_id   1
_entity_poly.type   'polypeptide(L)'
_entity_poly.pdbx_seq_one_letter_code
;YTRVVWCAVGPEEQKKCQQWSQQSGQNVTCATASTTDDCIVLVLKGEADALNLDGGYIYTAGKCGLVPVLAENRKSSKHS
SLDCVLRPTEGYLAVAVVKKANEGLTWNSLKDKKSCHTAVDRTAGWNIPMGLIVNQTGSCAFDEFFSQSCAPGADPKSRL
CALCAGDDQGLDKCVPNSKEKYYGYTGAFRCLAEDVGDVAFVKNDTVWENTNGESTADWAKNLKREDFRLLCLDGTRKPV
TEAQSCHLAVAPNHAVVSRSDRAAHVEQVLLHQQALFGKNGKNCPDKFCLFKSETKNLLFNDNTECLAKLGGRPTYEEYL
GTEYVTAIANLKKCSTSPLLEACAF
;
_entity_poly.pdbx_strand_id   A
#
loop_
_chem_comp.id
_chem_comp.type
_chem_comp.name
_chem_comp.formula
CO3 non-polymer 'CARBONATE ION' 'C O3 -2'
FE non-polymer 'FE (III) ION' 'Fe 3'
MAN D-saccharide, alpha linking alpha-D-mannopyranose 'C6 H12 O6'
NAG D-saccharide, beta linking 2-acetamido-2-deoxy-beta-D-glucopyranose 'C8 H15 N O6'
SO4 non-polymer 'SULFATE ION' 'O4 S -2'
ZN non-polymer 'ZINC ION' 'Zn 2'
#
# COMPACT_ATOMS: atom_id res chain seq x y z
N TYR A 1 -6.66 16.07 24.57
CA TYR A 1 -6.80 14.62 24.65
C TYR A 1 -8.23 14.21 24.40
N THR A 2 -8.36 13.04 23.74
CA THR A 2 -9.65 12.36 23.52
C THR A 2 -9.66 11.26 22.46
N ARG A 3 -10.89 10.75 22.33
CA ARG A 3 -11.37 9.73 21.39
C ARG A 3 -10.94 10.03 19.96
N VAL A 4 -10.50 9.01 19.24
CA VAL A 4 -10.08 9.16 17.87
C VAL A 4 -10.99 8.30 17.00
N VAL A 5 -11.52 8.89 15.94
CA VAL A 5 -12.35 8.17 14.97
C VAL A 5 -11.46 7.73 13.82
N TRP A 6 -11.29 6.43 13.65
CA TRP A 6 -10.46 5.89 12.57
C TRP A 6 -11.34 5.68 11.33
N CYS A 7 -10.77 5.80 10.14
CA CYS A 7 -11.56 5.53 8.94
C CYS A 7 -11.14 4.22 8.31
N ALA A 8 -12.08 3.28 8.25
CA ALA A 8 -11.84 1.96 7.69
C ALA A 8 -12.32 1.92 6.26
N VAL A 9 -11.53 1.28 5.39
CA VAL A 9 -11.84 1.20 3.97
C VAL A 9 -12.38 -0.17 3.66
N GLY A 10 -13.69 -0.28 3.54
CA GLY A 10 -14.34 -1.52 3.19
C GLY A 10 -14.70 -2.33 4.42
N PRO A 11 -15.43 -3.43 4.18
CA PRO A 11 -16.00 -4.25 5.25
C PRO A 11 -15.00 -5.05 6.08
N GLU A 12 -13.85 -5.41 5.55
CA GLU A 12 -12.95 -6.19 6.37
C GLU A 12 -12.19 -5.28 7.30
N GLU A 13 -11.81 -4.10 6.82
CA GLU A 13 -11.16 -3.16 7.72
C GLU A 13 -12.15 -2.77 8.81
N GLN A 14 -13.41 -2.58 8.43
CA GLN A 14 -14.45 -2.24 9.40
C GLN A 14 -14.52 -3.27 10.53
N LYS A 15 -14.54 -4.56 10.19
CA LYS A 15 -14.63 -5.59 11.19
C LYS A 15 -13.42 -5.54 12.12
N LYS A 16 -12.23 -5.32 11.59
CA LYS A 16 -11.06 -5.25 12.45
C LYS A 16 -11.04 -4.00 13.32
N CYS A 17 -11.48 -2.88 12.76
CA CYS A 17 -11.52 -1.63 13.49
C CYS A 17 -12.48 -1.74 14.66
N GLN A 18 -13.60 -2.44 14.46
CA GLN A 18 -14.59 -2.64 15.51
C GLN A 18 -14.00 -3.46 16.66
N GLN A 19 -13.19 -4.46 16.32
CA GLN A 19 -12.53 -5.26 17.33
C GLN A 19 -11.62 -4.33 18.14
N TRP A 20 -10.82 -3.54 17.42
CA TRP A 20 -9.89 -2.62 18.05
C TRP A 20 -10.68 -1.67 18.93
N SER A 21 -11.83 -1.24 18.43
CA SER A 21 -12.68 -0.29 19.12
C SER A 21 -13.14 -0.85 20.47
N GLN A 22 -13.63 -2.08 20.46
CA GLN A 22 -14.12 -2.77 21.66
C GLN A 22 -13.03 -2.93 22.72
N GLN A 23 -11.87 -3.42 22.29
CA GLN A 23 -10.73 -3.65 23.16
C GLN A 23 -10.14 -2.39 23.74
N SER A 24 -10.40 -1.25 23.09
CA SER A 24 -9.84 0.04 23.54
C SER A 24 -10.74 0.83 24.50
N GLY A 25 -11.90 0.29 24.86
CA GLY A 25 -12.81 1.01 25.75
C GLY A 25 -13.39 2.20 25.02
N GLN A 26 -13.44 2.06 23.70
CA GLN A 26 -13.95 3.10 22.82
C GLN A 26 -13.10 4.36 22.86
N ASN A 27 -11.80 4.18 23.12
CA ASN A 27 -10.91 5.32 23.10
C ASN A 27 -10.62 5.62 21.62
N VAL A 28 -10.93 4.62 20.74
CA VAL A 28 -10.86 4.73 19.27
C VAL A 28 -12.21 4.19 18.78
N THR A 29 -12.77 4.89 17.83
CA THR A 29 -14.07 4.52 17.31
C THR A 29 -13.93 4.41 15.80
N CYS A 30 -14.95 3.91 15.11
CA CYS A 30 -14.79 3.61 13.69
C CYS A 30 -15.77 4.23 12.70
N ALA A 31 -15.23 4.72 11.59
CA ALA A 31 -16.07 5.17 10.51
C ALA A 31 -15.65 4.32 9.33
N THR A 32 -16.57 4.07 8.42
CA THR A 32 -16.32 3.24 7.25
C THR A 32 -16.70 3.94 5.94
N ALA A 33 -15.88 3.75 4.92
CA ALA A 33 -16.17 4.26 3.57
C ALA A 33 -15.78 3.15 2.57
N SER A 34 -16.21 3.28 1.32
CA SER A 34 -15.92 2.25 0.34
C SER A 34 -14.60 2.42 -0.34
N THR A 35 -14.04 3.64 -0.32
CA THR A 35 -12.75 3.86 -0.93
C THR A 35 -11.94 4.77 -0.06
N THR A 36 -10.65 4.84 -0.37
CA THR A 36 -9.67 5.62 0.36
C THR A 36 -9.94 7.10 0.13
N ASP A 37 -10.37 7.45 -1.08
CA ASP A 37 -10.78 8.81 -1.39
C ASP A 37 -11.94 9.27 -0.52
N ASP A 38 -12.92 8.40 -0.29
CA ASP A 38 -14.06 8.78 0.55
C ASP A 38 -13.59 9.01 1.97
N CYS A 39 -12.64 8.19 2.38
CA CYS A 39 -12.09 8.35 3.72
C CYS A 39 -11.38 9.71 3.85
N ILE A 40 -10.57 10.09 2.86
CA ILE A 40 -9.93 11.40 2.86
C ILE A 40 -11.00 12.46 3.06
N VAL A 41 -12.12 12.32 2.36
CA VAL A 41 -13.22 13.28 2.47
C VAL A 41 -13.82 13.32 3.87
N LEU A 42 -14.00 12.16 4.49
CA LEU A 42 -14.57 12.12 5.85
C LEU A 42 -13.65 12.84 6.84
N VAL A 43 -12.34 12.74 6.62
CA VAL A 43 -11.41 13.40 7.51
C VAL A 43 -11.46 14.91 7.31
N LEU A 44 -11.46 15.33 6.05
CA LEU A 44 -11.60 16.74 5.71
C LEU A 44 -12.84 17.31 6.42
N LYS A 45 -13.94 16.60 6.31
CA LYS A 45 -15.18 17.08 6.90
C LYS A 45 -15.12 17.11 8.42
N GLY A 46 -14.23 16.32 9.00
CA GLY A 46 -14.11 16.24 10.45
C GLY A 46 -14.95 15.12 11.02
N GLU A 47 -15.50 14.28 10.14
CA GLU A 47 -16.35 13.17 10.60
C GLU A 47 -15.48 11.96 10.99
N ALA A 48 -14.23 11.96 10.53
CA ALA A 48 -13.25 10.95 10.91
C ALA A 48 -11.96 11.70 11.23
N ASP A 49 -11.08 11.12 12.05
CA ASP A 49 -9.80 11.77 12.39
C ASP A 49 -8.60 11.29 11.62
N ALA A 50 -8.51 9.98 11.38
CA ALA A 50 -7.26 9.44 10.85
C ALA A 50 -7.40 8.11 10.15
N LEU A 51 -6.39 7.83 9.32
CA LEU A 51 -6.24 6.55 8.63
C LEU A 51 -4.78 6.43 8.13
N ASN A 52 -4.37 5.19 7.90
CA ASN A 52 -3.03 4.90 7.42
C ASN A 52 -3.05 4.88 5.88
N LEU A 53 -2.04 5.48 5.25
CA LEU A 53 -2.09 5.65 3.80
C LEU A 53 -0.79 5.38 3.06
N ASP A 54 -0.89 4.74 1.90
CA ASP A 54 0.24 4.59 1.03
C ASP A 54 0.67 5.96 0.55
N GLY A 55 1.93 6.11 0.16
CA GLY A 55 2.46 7.37 -0.30
C GLY A 55 1.64 8.11 -1.35
N GLY A 56 1.12 7.40 -2.35
CA GLY A 56 0.33 7.97 -3.43
C GLY A 56 -0.88 8.71 -2.91
N TYR A 57 -1.43 8.21 -1.81
CA TYR A 57 -2.58 8.84 -1.16
C TYR A 57 -2.10 9.96 -0.23
N ILE A 58 -0.92 9.83 0.38
CA ILE A 58 -0.37 10.91 1.19
C ILE A 58 -0.35 12.15 0.29
N TYR A 59 -0.15 11.94 -1.00
CA TYR A 59 -0.03 13.07 -1.94
C TYR A 59 -1.38 13.75 -2.16
N THR A 60 -2.41 12.96 -2.44
CA THR A 60 -3.78 13.44 -2.60
C THR A 60 -4.21 14.23 -1.36
N ALA A 61 -4.06 13.59 -0.20
CA ALA A 61 -4.44 14.14 1.07
C ALA A 61 -3.74 15.47 1.40
N GLY A 62 -2.49 15.62 0.94
CA GLY A 62 -1.68 16.78 1.26
C GLY A 62 -2.08 18.06 0.57
N LYS A 63 -2.54 17.91 -0.66
CA LYS A 63 -3.03 19.03 -1.44
C LYS A 63 -4.25 19.57 -0.71
N CYS A 64 -4.96 18.68 -0.03
CA CYS A 64 -6.18 19.00 0.69
C CYS A 64 -5.89 19.44 2.12
N GLY A 65 -4.62 19.50 2.48
CA GLY A 65 -4.20 20.06 3.76
C GLY A 65 -4.05 19.08 4.91
N LEU A 66 -4.06 17.79 4.62
CA LEU A 66 -3.89 16.79 5.67
C LEU A 66 -2.42 16.52 5.88
N VAL A 67 -2.04 16.09 7.07
CA VAL A 67 -0.63 15.90 7.36
C VAL A 67 -0.21 14.53 7.88
N PRO A 68 0.99 14.12 7.52
CA PRO A 68 1.64 12.93 8.11
C PRO A 68 1.77 13.07 9.62
N VAL A 69 1.59 11.98 10.36
CA VAL A 69 1.61 12.08 11.80
C VAL A 69 2.58 11.08 12.41
N LEU A 70 2.51 9.85 11.92
CA LEU A 70 3.37 8.77 12.39
C LEU A 70 3.49 7.87 11.19
N ALA A 71 4.65 7.23 11.04
CA ALA A 71 4.88 6.36 9.93
C ALA A 71 5.09 4.91 10.33
N GLU A 72 4.73 4.00 9.41
CA GLU A 72 4.97 2.58 9.61
C GLU A 72 6.48 2.30 9.65
N ASN A 73 6.89 1.48 10.59
CA ASN A 73 8.28 1.09 10.68
C ASN A 73 8.39 -0.43 10.75
N ARG A 74 9.20 -1.04 9.89
CA ARG A 74 9.37 -2.49 9.91
C ARG A 74 10.80 -2.84 10.33
N LYS A 75 11.04 -4.10 10.70
CA LYS A 75 12.39 -4.62 10.94
C LYS A 75 13.57 -4.01 10.13
N SER A 76 14.63 -3.61 10.84
CA SER A 76 15.77 -2.97 10.21
C SER A 76 17.12 -3.58 10.60
N SER A 77 18.17 -3.15 9.89
CA SER A 77 19.54 -3.66 10.09
C SER A 77 20.55 -2.53 10.34
N LYS A 78 20.32 -1.38 9.72
CA LYS A 78 21.11 -0.18 9.93
C LYS A 78 20.38 0.63 11.02
N HIS A 79 21.09 1.47 11.77
CA HIS A 79 20.46 2.24 12.85
C HIS A 79 19.88 1.19 13.81
N SER A 80 20.79 0.68 14.66
CA SER A 80 20.54 -0.52 15.49
C SER A 80 20.13 -0.37 16.97
N SER A 81 20.72 0.56 17.72
CA SER A 81 20.38 0.66 19.14
C SER A 81 19.08 1.44 19.42
N LEU A 82 18.64 2.23 18.45
CA LEU A 82 17.47 3.09 18.61
C LEU A 82 16.16 2.32 18.80
N ASP A 83 15.31 2.85 19.68
CA ASP A 83 13.99 2.23 19.89
C ASP A 83 13.17 2.44 18.62
N CYS A 84 12.28 1.49 18.34
CA CYS A 84 11.50 1.51 17.10
C CYS A 84 10.76 2.83 16.81
N VAL A 85 10.11 3.37 17.83
CA VAL A 85 9.35 4.60 17.67
C VAL A 85 10.21 5.81 17.29
N LEU A 86 11.51 5.71 17.50
CA LEU A 86 12.42 6.82 17.22
C LEU A 86 13.40 6.56 16.08
N ARG A 87 13.43 5.32 15.61
CA ARG A 87 14.24 4.95 14.46
C ARG A 87 13.68 5.56 13.16
N PRO A 88 14.56 6.08 12.33
CA PRO A 88 14.15 6.69 11.06
C PRO A 88 13.61 5.61 10.10
N THR A 89 12.63 5.94 9.26
CA THR A 89 12.07 4.96 8.34
C THR A 89 12.94 4.69 7.10
N GLU A 90 12.96 3.45 6.62
CA GLU A 90 13.82 3.09 5.48
C GLU A 90 13.20 3.26 4.11
N GLY A 91 11.89 3.05 4.01
CA GLY A 91 11.22 3.09 2.72
C GLY A 91 11.14 1.65 2.26
N TYR A 92 10.39 1.41 1.20
CA TYR A 92 10.31 0.04 0.75
C TYR A 92 10.65 -0.01 -0.72
N LEU A 93 11.00 -1.20 -1.18
CA LEU A 93 11.38 -1.36 -2.58
C LEU A 93 10.20 -1.72 -3.49
N ALA A 94 9.94 -0.86 -4.47
CA ALA A 94 8.94 -1.13 -5.50
C ALA A 94 9.60 -2.01 -6.54
N VAL A 95 9.01 -3.17 -6.82
CA VAL A 95 9.60 -4.08 -7.78
C VAL A 95 8.54 -4.60 -8.75
N ALA A 96 8.96 -5.23 -9.84
CA ALA A 96 8.03 -5.86 -10.78
C ALA A 96 8.38 -7.32 -10.76
N VAL A 97 7.37 -8.15 -10.55
CA VAL A 97 7.59 -9.57 -10.40
C VAL A 97 6.88 -10.35 -11.50
N VAL A 98 7.56 -11.40 -11.97
CA VAL A 98 7.03 -12.32 -12.97
C VAL A 98 7.32 -13.77 -12.58
N LYS A 99 6.75 -14.71 -13.32
CA LYS A 99 7.01 -16.13 -13.09
C LYS A 99 8.30 -16.49 -13.80
N LYS A 100 9.10 -17.37 -13.20
CA LYS A 100 10.32 -17.82 -13.86
C LYS A 100 9.98 -18.50 -15.17
N ALA A 101 8.95 -19.34 -15.13
CA ALA A 101 8.54 -20.09 -16.29
C ALA A 101 8.25 -19.19 -17.49
N ASN A 102 7.76 -18.00 -17.23
CA ASN A 102 7.54 -17.03 -18.29
C ASN A 102 8.95 -16.55 -18.62
N GLU A 103 9.62 -17.23 -19.55
CA GLU A 103 10.98 -16.90 -19.98
C GLU A 103 10.97 -15.83 -21.07
N GLY A 104 12.05 -15.07 -21.16
CA GLY A 104 12.13 -14.03 -22.19
C GLY A 104 11.17 -12.87 -22.00
N LEU A 105 10.67 -12.71 -20.78
CA LEU A 105 9.81 -11.58 -20.49
C LEU A 105 10.64 -10.61 -19.66
N THR A 106 10.97 -9.44 -20.23
CA THR A 106 11.78 -8.45 -19.53
C THR A 106 11.08 -7.11 -19.56
N TRP A 107 11.61 -6.16 -18.81
CA TRP A 107 11.06 -4.83 -18.79
C TRP A 107 10.81 -4.32 -20.19
N ASN A 108 11.66 -4.74 -21.14
CA ASN A 108 11.55 -4.27 -22.53
C ASN A 108 10.54 -5.04 -23.40
N SER A 109 9.83 -5.99 -22.82
CA SER A 109 8.81 -6.68 -23.58
C SER A 109 7.46 -6.68 -22.86
N LEU A 110 7.28 -5.74 -21.92
CA LEU A 110 6.03 -5.69 -21.17
C LEU A 110 4.84 -5.26 -22.02
N LYS A 111 5.10 -4.57 -23.13
CA LYS A 111 3.96 -4.13 -23.93
C LYS A 111 3.03 -5.27 -24.34
N ASP A 112 1.73 -5.00 -24.23
CA ASP A 112 0.70 -5.96 -24.59
C ASP A 112 0.62 -7.19 -23.72
N LYS A 113 1.32 -7.17 -22.58
CA LYS A 113 1.23 -8.26 -21.61
C LYS A 113 0.18 -7.96 -20.54
N LYS A 114 -0.18 -8.96 -19.77
CA LYS A 114 -1.18 -8.77 -18.73
C LYS A 114 -0.58 -8.30 -17.40
N SER A 115 -1.18 -7.29 -16.78
CA SER A 115 -0.62 -6.70 -15.55
C SER A 115 -1.53 -6.76 -14.32
N CYS A 116 -0.92 -6.70 -13.14
CA CYS A 116 -1.60 -6.73 -11.86
C CYS A 116 -1.08 -5.56 -11.03
N HIS A 117 -1.98 -4.67 -10.62
CA HIS A 117 -1.63 -3.48 -9.86
C HIS A 117 -2.33 -3.52 -8.52
N THR A 118 -1.70 -2.94 -7.50
CA THR A 118 -2.32 -2.93 -6.19
C THR A 118 -3.63 -2.16 -6.26
N ALA A 119 -3.59 -0.99 -6.89
CA ALA A 119 -4.74 -0.10 -7.08
C ALA A 119 -4.25 1.18 -7.73
N VAL A 120 -5.11 1.83 -8.50
CA VAL A 120 -4.80 3.11 -9.13
C VAL A 120 -4.38 4.11 -8.06
N ASP A 121 -3.37 4.92 -8.36
CA ASP A 121 -2.86 5.95 -7.46
C ASP A 121 -1.99 5.48 -6.31
N ARG A 122 -1.68 4.21 -6.25
CA ARG A 122 -0.80 3.74 -5.19
C ARG A 122 0.66 3.79 -5.65
N THR A 123 1.60 3.81 -4.72
CA THR A 123 2.99 3.95 -5.12
C THR A 123 3.62 2.81 -5.92
N ALA A 124 3.69 1.62 -5.36
CA ALA A 124 4.38 0.56 -6.04
C ALA A 124 3.51 -0.03 -7.15
N GLY A 125 2.20 -0.06 -6.93
CA GLY A 125 1.28 -0.64 -7.89
C GLY A 125 0.94 0.22 -9.07
N TRP A 126 1.15 1.54 -8.98
CA TRP A 126 0.71 2.40 -10.08
C TRP A 126 1.65 3.55 -10.41
N ASN A 127 1.78 4.47 -9.45
CA ASN A 127 2.59 5.66 -9.66
C ASN A 127 4.00 5.43 -10.22
N ILE A 128 4.78 4.53 -9.64
CA ILE A 128 6.13 4.30 -10.12
C ILE A 128 6.11 3.67 -11.51
N PRO A 129 5.57 2.46 -11.63
CA PRO A 129 5.67 1.75 -12.92
C PRO A 129 5.00 2.51 -14.07
N MET A 130 3.80 3.05 -13.85
CA MET A 130 3.12 3.77 -14.93
C MET A 130 3.85 5.11 -15.27
N GLY A 131 4.41 5.75 -14.25
CA GLY A 131 5.22 6.93 -14.46
C GLY A 131 6.40 6.54 -15.34
N LEU A 132 7.01 5.39 -15.04
CA LEU A 132 8.13 4.91 -15.82
C LEU A 132 7.74 4.66 -17.27
N ILE A 133 6.57 4.06 -17.47
CA ILE A 133 6.11 3.72 -18.82
C ILE A 133 5.74 4.93 -19.67
N VAL A 134 5.02 5.87 -19.09
CA VAL A 134 4.66 7.08 -19.80
C VAL A 134 5.97 7.73 -20.21
N ASN A 135 6.84 7.91 -19.24
CA ASN A 135 8.09 8.59 -19.58
C ASN A 135 8.83 7.81 -20.70
N GLN A 136 8.87 6.46 -20.68
CA GLN A 136 9.59 5.68 -21.71
C GLN A 136 8.92 5.67 -23.08
N THR A 137 7.60 5.79 -23.09
CA THR A 137 6.88 5.76 -24.37
C THR A 137 6.53 7.13 -24.92
N GLY A 138 6.81 8.19 -24.17
CA GLY A 138 6.48 9.52 -24.63
C GLY A 138 5.00 9.72 -24.87
N SER A 139 4.18 8.75 -24.46
CA SER A 139 2.73 8.82 -24.62
C SER A 139 2.01 8.83 -23.26
N CYS A 140 0.80 9.40 -23.23
CA CYS A 140 -0.01 9.43 -22.01
C CYS A 140 -1.03 8.32 -22.05
N ALA A 141 -0.99 7.54 -23.12
CA ALA A 141 -2.01 6.50 -23.29
C ALA A 141 -1.69 5.22 -22.51
N PHE A 142 -1.36 5.37 -21.25
CA PHE A 142 -0.99 4.21 -20.42
C PHE A 142 -2.14 3.22 -20.25
N ASP A 143 -3.32 3.56 -20.72
CA ASP A 143 -4.44 2.65 -20.63
C ASP A 143 -4.43 1.70 -21.81
N GLU A 144 -3.52 1.93 -22.76
CA GLU A 144 -3.43 1.08 -23.95
C GLU A 144 -2.09 0.33 -24.01
N PHE A 145 -1.28 0.47 -22.96
CA PHE A 145 0.02 -0.19 -22.92
C PHE A 145 -0.07 -1.67 -22.65
N PHE A 146 -0.95 -2.05 -21.74
CA PHE A 146 -1.11 -3.45 -21.41
C PHE A 146 -2.36 -3.95 -22.10
N SER A 147 -2.41 -5.21 -22.49
CA SER A 147 -3.65 -5.70 -23.11
C SER A 147 -4.77 -5.77 -22.09
N GLN A 148 -4.50 -6.34 -20.92
CA GLN A 148 -5.50 -6.43 -19.85
C GLN A 148 -4.81 -6.28 -18.51
N SER A 149 -5.56 -5.86 -17.51
CA SER A 149 -5.01 -5.62 -16.17
C SER A 149 -6.06 -5.76 -15.13
N CYS A 150 -5.61 -5.79 -13.89
CA CYS A 150 -6.49 -5.64 -12.76
C CYS A 150 -5.87 -4.47 -12.04
N ALA A 151 -6.45 -3.29 -12.24
CA ALA A 151 -6.02 -2.04 -11.59
C ALA A 151 -7.19 -1.45 -10.78
N PRO A 152 -7.44 -2.01 -9.59
CA PRO A 152 -8.49 -1.49 -8.73
C PRO A 152 -8.63 0.03 -8.74
N GLY A 153 -9.84 0.51 -9.03
CA GLY A 153 -10.06 1.95 -9.09
C GLY A 153 -10.26 2.55 -10.48
N ALA A 154 -9.97 1.80 -11.52
CA ALA A 154 -10.22 2.33 -12.85
C ALA A 154 -11.69 2.10 -13.21
N ASP A 155 -12.03 2.31 -14.48
CA ASP A 155 -13.39 2.07 -14.97
C ASP A 155 -13.61 0.56 -15.11
N PRO A 156 -14.54 -0.02 -14.36
CA PRO A 156 -14.87 -1.44 -14.48
C PRO A 156 -15.01 -1.99 -15.89
N LYS A 157 -15.47 -1.18 -16.81
CA LYS A 157 -15.67 -1.71 -18.14
C LYS A 157 -14.50 -1.46 -19.06
N SER A 158 -13.41 -0.92 -18.51
CA SER A 158 -12.21 -0.71 -19.30
C SER A 158 -11.33 -1.95 -19.15
N ARG A 159 -10.33 -2.02 -20.02
CA ARG A 159 -9.31 -3.06 -20.02
C ARG A 159 -8.47 -3.06 -18.72
N LEU A 160 -8.33 -1.90 -18.08
CA LEU A 160 -7.60 -1.84 -16.82
C LEU A 160 -8.33 -2.60 -15.69
N CYS A 161 -9.59 -2.98 -15.91
CA CYS A 161 -10.32 -3.79 -14.92
C CYS A 161 -10.63 -5.22 -15.40
N ALA A 162 -10.28 -5.52 -16.64
CA ALA A 162 -10.64 -6.79 -17.24
C ALA A 162 -10.23 -8.01 -16.43
N LEU A 163 -9.14 -7.89 -15.68
CA LEU A 163 -8.63 -9.06 -14.97
C LEU A 163 -9.05 -9.10 -13.50
N CYS A 164 -9.76 -8.08 -13.02
CA CYS A 164 -10.18 -8.05 -11.63
C CYS A 164 -11.36 -9.01 -11.49
N ALA A 165 -11.59 -9.53 -10.29
CA ALA A 165 -12.56 -10.59 -10.11
C ALA A 165 -13.71 -10.31 -9.15
N GLY A 166 -13.66 -9.22 -8.39
CA GLY A 166 -14.73 -8.95 -7.45
C GLY A 166 -14.65 -9.86 -6.23
N ASP A 167 -15.75 -9.96 -5.48
CA ASP A 167 -15.79 -10.78 -4.27
C ASP A 167 -16.34 -12.18 -4.51
N ASP A 168 -16.41 -13.00 -3.46
CA ASP A 168 -16.93 -14.37 -3.55
C ASP A 168 -18.11 -14.55 -4.49
N GLN A 169 -18.90 -13.50 -4.64
CA GLN A 169 -20.08 -13.55 -5.48
C GLN A 169 -19.94 -12.93 -6.87
N GLY A 170 -18.80 -12.33 -7.19
CA GLY A 170 -18.68 -11.66 -8.47
C GLY A 170 -19.10 -10.19 -8.43
N LEU A 171 -19.35 -9.68 -7.23
CA LEU A 171 -19.75 -8.29 -7.09
C LEU A 171 -18.56 -7.40 -6.70
N ASP A 172 -18.69 -6.09 -6.93
CA ASP A 172 -17.69 -5.14 -6.50
C ASP A 172 -16.40 -5.24 -7.31
N LYS A 173 -16.53 -5.78 -8.51
CA LYS A 173 -15.42 -5.95 -9.42
C LYS A 173 -14.65 -4.67 -9.64
N CYS A 174 -13.35 -4.73 -9.34
CA CYS A 174 -12.43 -3.61 -9.51
C CYS A 174 -12.52 -2.50 -8.45
N VAL A 175 -13.26 -2.73 -7.36
CA VAL A 175 -13.29 -1.72 -6.30
C VAL A 175 -11.97 -1.71 -5.58
N PRO A 176 -11.50 -0.52 -5.23
CA PRO A 176 -10.22 -0.37 -4.54
C PRO A 176 -10.35 -0.58 -3.05
N ASN A 177 -10.88 -1.72 -2.63
CA ASN A 177 -10.85 -2.06 -1.22
C ASN A 177 -10.70 -3.55 -1.20
N SER A 178 -10.49 -4.12 -0.03
CA SER A 178 -10.16 -5.55 0.02
C SER A 178 -11.29 -6.51 -0.34
N LYS A 179 -12.41 -6.01 -0.82
CA LYS A 179 -13.47 -6.91 -1.25
C LYS A 179 -13.10 -7.49 -2.61
N GLU A 180 -12.32 -6.72 -3.36
CA GLU A 180 -11.80 -7.16 -4.65
C GLU A 180 -10.64 -8.12 -4.38
N LYS A 181 -10.76 -9.33 -4.90
CA LYS A 181 -9.80 -10.42 -4.70
C LYS A 181 -8.35 -10.05 -5.06
N TYR A 182 -8.19 -9.23 -6.08
CA TYR A 182 -6.86 -8.86 -6.55
C TYR A 182 -6.42 -7.44 -6.13
N TYR A 183 -6.97 -6.95 -5.02
CA TYR A 183 -6.62 -5.65 -4.48
C TYR A 183 -5.40 -5.63 -3.55
N GLY A 184 -4.62 -4.55 -3.62
CA GLY A 184 -3.51 -4.37 -2.72
C GLY A 184 -2.25 -5.20 -3.00
N TYR A 185 -1.28 -5.12 -2.09
CA TYR A 185 -0.05 -5.88 -2.30
C TYR A 185 -0.34 -7.38 -2.45
N THR A 186 -1.15 -7.92 -1.56
CA THR A 186 -1.44 -9.34 -1.52
C THR A 186 -2.28 -9.80 -2.73
N GLY A 187 -3.27 -8.98 -3.08
CA GLY A 187 -4.17 -9.25 -4.20
C GLY A 187 -3.44 -9.22 -5.54
N ALA A 188 -2.54 -8.25 -5.69
CA ALA A 188 -1.76 -8.14 -6.92
C ALA A 188 -0.82 -9.33 -7.05
N PHE A 189 -0.18 -9.72 -5.96
CA PHE A 189 0.70 -10.85 -6.04
C PHE A 189 -0.10 -12.13 -6.34
N ARG A 190 -1.27 -12.26 -5.74
CA ARG A 190 -2.10 -13.42 -6.02
C ARG A 190 -2.47 -13.47 -7.51
N CYS A 191 -2.78 -12.30 -8.09
CA CYS A 191 -3.13 -12.17 -9.51
C CYS A 191 -2.04 -12.78 -10.41
N LEU A 192 -0.78 -12.54 -10.04
CA LEU A 192 0.34 -13.11 -10.76
C LEU A 192 0.50 -14.58 -10.38
N ALA A 193 0.40 -14.87 -9.09
CA ALA A 193 0.61 -16.24 -8.63
C ALA A 193 -0.29 -17.25 -9.34
N GLU A 194 -1.52 -16.83 -9.64
CA GLU A 194 -2.53 -17.68 -10.25
C GLU A 194 -2.51 -17.55 -11.77
N ASP A 195 -1.52 -16.83 -12.28
CA ASP A 195 -1.34 -16.73 -13.72
C ASP A 195 -2.48 -16.05 -14.41
N VAL A 196 -3.14 -15.14 -13.70
CA VAL A 196 -4.18 -14.31 -14.30
C VAL A 196 -3.39 -13.25 -15.05
N GLY A 197 -2.33 -12.76 -14.43
CA GLY A 197 -1.48 -11.77 -15.08
C GLY A 197 -0.05 -12.24 -15.35
N ASP A 198 0.67 -11.47 -16.15
CA ASP A 198 2.04 -11.77 -16.50
C ASP A 198 3.07 -11.16 -15.56
N VAL A 199 2.72 -9.98 -15.02
CA VAL A 199 3.56 -9.23 -14.10
C VAL A 199 2.72 -8.55 -13.00
N ALA A 200 3.32 -8.44 -11.82
CA ALA A 200 2.71 -7.79 -10.67
C ALA A 200 3.64 -6.69 -10.18
N PHE A 201 3.06 -5.53 -9.90
CA PHE A 201 3.82 -4.41 -9.39
C PHE A 201 3.49 -4.28 -7.94
N VAL A 202 4.39 -4.78 -7.11
CA VAL A 202 4.18 -4.77 -5.67
C VAL A 202 5.46 -4.31 -5.02
N LYS A 203 5.68 -4.68 -3.77
CA LYS A 203 6.91 -4.30 -3.10
C LYS A 203 7.77 -5.51 -2.81
N ASN A 204 9.17 -5.38 -2.47
CA ASN A 204 10.12 -6.57 -2.16
C ASN A 204 9.45 -7.43 -1.13
N ASP A 205 8.79 -6.80 -0.14
CA ASP A 205 8.38 -7.61 1.01
C ASP A 205 7.28 -8.63 0.69
N THR A 206 6.43 -8.29 -0.28
CA THR A 206 5.26 -9.11 -0.60
C THR A 206 5.64 -10.47 -1.13
N VAL A 207 6.73 -10.52 -1.87
CA VAL A 207 7.19 -11.76 -2.47
C VAL A 207 7.63 -12.74 -1.38
N TRP A 208 8.28 -12.20 -0.37
CA TRP A 208 8.80 -13.00 0.74
C TRP A 208 7.76 -13.44 1.74
N GLU A 209 6.73 -12.64 1.96
CA GLU A 209 5.74 -12.99 2.99
C GLU A 209 4.65 -13.91 2.44
N ASN A 210 4.68 -14.14 1.14
CA ASN A 210 3.70 -15.03 0.56
C ASN A 210 4.28 -16.23 -0.15
N THR A 211 5.53 -16.60 0.19
CA THR A 211 6.15 -17.80 -0.39
C THR A 211 6.88 -18.66 0.67
N ASN A 212 7.26 -19.86 0.26
CA ASN A 212 8.03 -20.77 1.11
C ASN A 212 7.42 -21.02 2.50
N GLY A 213 6.11 -21.16 2.57
CA GLY A 213 5.44 -21.41 3.84
C GLY A 213 5.11 -20.22 4.74
N GLU A 214 5.50 -19.00 4.36
CA GLU A 214 5.24 -17.82 5.19
C GLU A 214 3.75 -17.48 5.29
N SER A 215 3.00 -17.87 4.26
CA SER A 215 1.55 -17.68 4.27
C SER A 215 0.87 -19.04 4.10
N THR A 216 -0.14 -19.31 4.91
CA THR A 216 -0.83 -20.58 4.83
C THR A 216 -2.10 -20.46 3.98
N ALA A 217 -2.19 -19.38 3.21
CA ALA A 217 -3.34 -19.15 2.36
C ALA A 217 -3.43 -20.20 1.26
N ASP A 218 -4.65 -20.64 0.98
CA ASP A 218 -4.86 -21.63 -0.05
C ASP A 218 -4.03 -21.39 -1.30
N TRP A 219 -4.03 -20.16 -1.79
CA TRP A 219 -3.37 -19.87 -3.07
C TRP A 219 -1.85 -19.80 -2.99
N ALA A 220 -1.35 -19.58 -1.78
CA ALA A 220 0.09 -19.34 -1.61
C ALA A 220 0.91 -20.41 -0.89
N LYS A 221 0.26 -21.36 -0.23
CA LYS A 221 1.00 -22.40 0.53
C LYS A 221 2.06 -23.17 -0.28
N ASN A 222 1.82 -23.36 -1.59
CA ASN A 222 2.78 -24.06 -2.43
C ASN A 222 3.69 -23.16 -3.26
N LEU A 223 3.69 -21.85 -2.98
CA LEU A 223 4.53 -20.95 -3.76
C LEU A 223 5.97 -20.95 -3.28
N LYS A 224 6.88 -20.87 -4.23
CA LYS A 224 8.28 -20.90 -3.97
C LYS A 224 9.03 -19.74 -4.62
N ARG A 225 9.84 -19.03 -3.85
CA ARG A 225 10.66 -17.94 -4.35
C ARG A 225 11.38 -18.21 -5.68
N GLU A 226 11.98 -19.38 -5.84
CA GLU A 226 12.74 -19.68 -7.05
C GLU A 226 11.86 -19.56 -8.26
N ASP A 227 10.56 -19.75 -8.08
CA ASP A 227 9.64 -19.72 -9.20
C ASP A 227 9.36 -18.30 -9.68
N PHE A 228 9.85 -17.30 -8.93
CA PHE A 228 9.65 -15.92 -9.32
C PHE A 228 10.94 -15.25 -9.75
N ARG A 229 10.80 -14.19 -10.56
CA ARG A 229 11.94 -13.39 -10.99
C ARG A 229 11.61 -11.88 -10.90
N LEU A 230 12.58 -11.04 -10.58
CA LEU A 230 12.32 -9.60 -10.57
C LEU A 230 12.77 -9.00 -11.91
N LEU A 231 12.03 -8.02 -12.42
CA LEU A 231 12.41 -7.36 -13.65
C LEU A 231 13.17 -6.10 -13.31
N CYS A 232 14.44 -6.04 -13.69
CA CYS A 232 15.28 -4.87 -13.42
C CYS A 232 15.10 -3.88 -14.57
N LEU A 233 15.41 -2.61 -14.35
CA LEU A 233 15.25 -1.61 -15.42
C LEU A 233 16.31 -1.70 -16.54
N ASP A 234 17.38 -2.47 -16.34
CA ASP A 234 18.40 -2.59 -17.39
C ASP A 234 18.12 -3.75 -18.36
N GLY A 235 16.95 -4.39 -18.23
CA GLY A 235 16.57 -5.45 -19.14
C GLY A 235 16.86 -6.86 -18.65
N THR A 236 17.43 -6.97 -17.46
CA THR A 236 17.74 -8.29 -16.93
C THR A 236 16.66 -8.81 -15.99
N ARG A 237 16.78 -10.08 -15.64
CA ARG A 237 15.89 -10.70 -14.69
C ARG A 237 16.80 -11.17 -13.58
N LYS A 238 16.38 -11.00 -12.35
CA LYS A 238 17.18 -11.45 -11.22
C LYS A 238 16.31 -12.18 -10.22
N PRO A 239 16.91 -13.04 -9.41
CA PRO A 239 16.22 -13.68 -8.30
C PRO A 239 15.75 -12.68 -7.26
N VAL A 240 14.68 -13.02 -6.57
CA VAL A 240 14.06 -12.11 -5.63
C VAL A 240 15.01 -11.72 -4.50
N THR A 241 16.10 -12.45 -4.33
CA THR A 241 17.09 -12.11 -3.30
C THR A 241 17.89 -10.87 -3.70
N GLU A 242 17.83 -10.49 -4.96
CA GLU A 242 18.61 -9.34 -5.41
C GLU A 242 17.84 -8.07 -5.59
N ALA A 243 16.80 -7.87 -4.79
CA ALA A 243 15.96 -6.67 -4.96
C ALA A 243 16.69 -5.37 -4.72
N GLN A 244 17.69 -5.40 -3.84
CA GLN A 244 18.45 -4.18 -3.57
C GLN A 244 19.14 -3.72 -4.84
N SER A 245 19.28 -4.59 -5.84
CA SER A 245 20.00 -4.18 -7.05
C SER A 245 19.11 -4.24 -8.28
N CYS A 246 17.83 -4.51 -8.03
CA CYS A 246 16.88 -4.71 -9.11
C CYS A 246 15.46 -4.26 -8.70
N HIS A 247 15.30 -2.96 -8.48
CA HIS A 247 14.00 -2.38 -8.12
C HIS A 247 13.65 -1.19 -9.01
N LEU A 248 12.39 -0.78 -9.03
CA LEU A 248 11.97 0.35 -9.85
C LEU A 248 12.16 1.64 -9.08
N ALA A 249 12.15 1.54 -7.76
CA ALA A 249 12.34 2.70 -6.92
C ALA A 249 12.16 2.36 -5.45
N VAL A 250 12.61 3.28 -4.58
CA VAL A 250 12.37 3.13 -3.16
C VAL A 250 11.20 4.05 -2.80
N ALA A 251 10.25 3.52 -2.03
CA ALA A 251 9.04 4.23 -1.72
C ALA A 251 9.01 4.68 -0.27
N PRO A 252 8.46 5.84 -0.01
CA PRO A 252 8.28 6.31 1.37
C PRO A 252 7.26 5.42 2.06
N ASN A 253 7.51 5.13 3.33
CA ASN A 253 6.60 4.30 4.10
C ASN A 253 5.17 4.81 4.18
N HIS A 254 4.23 3.86 4.27
CA HIS A 254 2.84 4.20 4.53
C HIS A 254 2.83 4.95 5.85
N ALA A 255 1.93 5.91 5.96
CA ALA A 255 1.83 6.73 7.15
C ALA A 255 0.38 7.12 7.49
N VAL A 256 0.20 7.40 8.77
CA VAL A 256 -1.04 7.83 9.35
C VAL A 256 -1.13 9.34 9.11
N VAL A 257 -2.27 9.79 8.60
CA VAL A 257 -2.48 11.23 8.37
C VAL A 257 -3.74 11.69 9.08
N SER A 258 -3.85 12.99 9.30
CA SER A 258 -5.01 13.56 9.94
C SER A 258 -5.06 15.03 9.58
N ARG A 259 -6.16 15.72 9.85
CA ARG A 259 -6.14 17.16 9.65
C ARG A 259 -5.09 17.74 10.57
N SER A 260 -4.48 18.83 10.14
CA SER A 260 -3.42 19.46 10.92
C SER A 260 -3.82 19.83 12.34
N ASP A 261 -5.04 20.34 12.48
CA ASP A 261 -5.58 20.73 13.78
C ASP A 261 -5.88 19.54 14.72
N ARG A 262 -5.79 18.31 14.22
CA ARG A 262 -6.01 17.14 15.08
C ARG A 262 -4.75 16.30 15.28
N ALA A 263 -3.69 16.70 14.60
CA ALA A 263 -2.46 15.95 14.56
C ALA A 263 -1.91 15.53 15.92
N ALA A 264 -1.79 16.51 16.81
CA ALA A 264 -1.16 16.31 18.10
C ALA A 264 -1.95 15.30 18.87
N HIS A 265 -3.24 15.47 18.76
CA HIS A 265 -4.16 14.63 19.44
C HIS A 265 -4.18 13.18 18.95
N VAL A 266 -4.24 13.02 17.63
CA VAL A 266 -4.19 11.71 17.00
C VAL A 266 -2.88 11.03 17.37
N GLU A 267 -1.78 11.77 17.30
CA GLU A 267 -0.47 11.23 17.62
C GLU A 267 -0.40 10.67 19.05
N GLN A 268 -0.92 11.43 20.01
CA GLN A 268 -0.88 11.03 21.42
C GLN A 268 -1.62 9.71 21.64
N VAL A 269 -2.83 9.63 21.13
CA VAL A 269 -3.63 8.43 21.32
C VAL A 269 -3.03 7.19 20.68
N LEU A 270 -2.51 7.32 19.46
CA LEU A 270 -1.98 6.14 18.78
C LEU A 270 -0.72 5.56 19.41
N LEU A 271 0.15 6.43 19.92
CA LEU A 271 1.37 5.98 20.61
C LEU A 271 0.99 5.12 21.81
N HIS A 272 -0.06 5.54 22.51
CA HIS A 272 -0.60 4.78 23.65
C HIS A 272 -1.33 3.53 23.17
N GLN A 273 -2.01 3.64 22.05
CA GLN A 273 -2.67 2.50 21.45
C GLN A 273 -1.66 1.40 21.11
N GLN A 274 -0.51 1.79 20.56
CA GLN A 274 0.50 0.82 20.17
C GLN A 274 1.28 0.21 21.35
N ALA A 275 1.38 0.96 22.43
CA ALA A 275 1.99 0.42 23.65
C ALA A 275 1.10 -0.69 24.17
N LEU A 276 -0.19 -0.65 23.85
CA LEU A 276 -1.14 -1.67 24.28
C LEU A 276 -1.29 -2.85 23.34
N PHE A 277 -1.40 -2.55 22.03
CA PHE A 277 -1.67 -3.58 21.03
C PHE A 277 -0.62 -3.73 19.92
N GLY A 278 0.51 -3.07 20.08
CA GLY A 278 1.58 -3.19 19.11
C GLY A 278 2.40 -4.47 19.23
N LYS A 279 3.49 -4.50 18.46
CA LYS A 279 4.43 -5.60 18.39
C LYS A 279 4.76 -6.22 19.73
N ASN A 280 5.13 -5.41 20.70
CA ASN A 280 5.42 -5.96 22.01
C ASN A 280 4.46 -5.48 23.06
N GLY A 281 3.32 -4.97 22.60
CA GLY A 281 2.32 -4.39 23.47
C GLY A 281 1.79 -5.27 24.58
N LYS A 282 1.18 -4.62 25.56
CA LYS A 282 0.63 -5.27 26.73
C LYS A 282 -0.43 -6.32 26.47
N ASN A 283 -1.19 -6.18 25.40
CA ASN A 283 -2.32 -7.09 25.16
C ASN A 283 -2.29 -7.82 23.83
N CYS A 284 -1.10 -7.89 23.26
CA CYS A 284 -0.88 -8.60 22.02
C CYS A 284 0.15 -9.68 22.34
N PRO A 285 -0.10 -10.95 22.00
CA PRO A 285 -1.28 -11.43 21.27
C PRO A 285 -2.40 -11.91 22.17
N ASP A 286 -2.28 -11.61 23.45
CA ASP A 286 -3.25 -12.04 24.44
C ASP A 286 -4.68 -11.75 24.05
N LYS A 287 -4.98 -10.49 23.81
CA LYS A 287 -6.35 -10.11 23.52
C LYS A 287 -6.54 -9.52 22.12
N PHE A 288 -5.61 -8.64 21.71
CA PHE A 288 -5.75 -7.99 20.40
C PHE A 288 -4.45 -7.40 19.85
N CYS A 289 -4.16 -7.72 18.59
CA CYS A 289 -2.94 -7.24 17.94
C CYS A 289 -3.29 -6.33 16.78
N LEU A 290 -2.86 -5.08 16.89
CA LEU A 290 -3.10 -4.06 15.87
C LEU A 290 -2.43 -4.35 14.53
N PHE A 291 -1.24 -4.95 14.56
CA PHE A 291 -0.51 -5.12 13.31
C PHE A 291 -0.65 -6.51 12.69
N LYS A 292 -1.71 -7.22 13.02
CA LYS A 292 -1.97 -8.50 12.39
C LYS A 292 -3.37 -8.59 11.83
N SER A 293 -3.47 -9.24 10.68
CA SER A 293 -4.72 -9.53 10.00
C SER A 293 -4.45 -10.69 9.04
N GLU A 294 -3.65 -11.62 9.49
CA GLU A 294 -3.33 -12.84 8.75
C GLU A 294 -2.98 -12.60 7.27
N THR A 295 -2.02 -11.72 7.03
CA THR A 295 -1.48 -11.44 5.68
C THR A 295 -2.39 -10.54 4.82
N LYS A 296 -3.44 -10.01 5.42
CA LYS A 296 -4.40 -9.21 4.68
C LYS A 296 -4.10 -7.71 4.64
N ASN A 297 -3.24 -7.27 5.57
CA ASN A 297 -2.83 -5.88 5.65
C ASN A 297 -4.01 -4.96 5.87
N LEU A 298 -4.78 -5.27 6.90
CA LEU A 298 -5.97 -4.49 7.24
C LEU A 298 -5.61 -3.36 8.22
N LEU A 299 -5.87 -2.11 7.81
CA LEU A 299 -5.54 -0.88 8.56
C LEU A 299 -4.05 -0.56 8.51
N PHE A 300 -3.22 -1.58 8.72
CA PHE A 300 -1.78 -1.41 8.72
C PHE A 300 -1.21 -2.60 8.02
N ASN A 301 0.02 -2.49 7.54
CA ASN A 301 0.68 -3.65 6.97
C ASN A 301 1.02 -4.62 8.08
N ASP A 302 0.83 -5.91 7.81
CA ASP A 302 1.13 -6.97 8.78
C ASP A 302 2.57 -7.04 9.23
N ASN A 303 3.49 -6.46 8.46
CA ASN A 303 4.88 -6.56 8.89
C ASN A 303 5.35 -5.32 9.68
N THR A 304 4.41 -4.53 10.19
CA THR A 304 4.82 -3.33 10.87
C THR A 304 5.35 -3.63 12.27
N GLU A 305 6.54 -3.17 12.59
CA GLU A 305 7.00 -3.37 13.97
C GLU A 305 6.37 -2.31 14.87
N CYS A 306 6.33 -1.07 14.38
CA CYS A 306 5.69 0.01 15.13
C CYS A 306 5.41 1.20 14.23
N LEU A 307 4.67 2.16 14.79
CA LEU A 307 4.46 3.45 14.16
C LEU A 307 5.51 4.38 14.75
N ALA A 308 6.28 5.02 13.90
CA ALA A 308 7.39 5.87 14.36
C ALA A 308 7.09 7.36 14.27
N LYS A 309 7.68 8.12 15.19
CA LYS A 309 7.53 9.58 15.18
C LYS A 309 8.33 10.03 13.99
N LEU A 310 7.90 11.11 13.33
CA LEU A 310 8.63 11.64 12.20
C LEU A 310 9.53 12.70 12.74
N GLY A 311 10.80 12.46 12.62
CA GLY A 311 11.68 13.40 13.18
C GLY A 311 11.79 14.62 12.31
N GLY A 312 11.40 15.76 12.76
CA GLY A 312 11.65 16.90 11.89
C GLY A 312 10.41 17.56 11.37
N ARG A 313 9.25 17.20 11.91
CA ARG A 313 7.94 17.74 11.60
C ARG A 313 7.74 18.06 10.11
N PRO A 314 7.76 17.01 9.29
CA PRO A 314 7.56 17.08 7.85
C PRO A 314 6.29 17.64 7.29
N THR A 315 6.40 18.45 6.26
CA THR A 315 5.20 18.70 5.50
C THR A 315 5.06 17.43 4.68
N TYR A 316 3.99 17.35 3.89
CA TYR A 316 3.73 16.13 3.15
C TYR A 316 4.68 16.04 1.95
N GLU A 317 5.17 17.17 1.47
CA GLU A 317 6.09 17.15 0.35
C GLU A 317 7.46 16.69 0.82
N GLU A 318 7.84 17.08 2.04
CA GLU A 318 9.10 16.64 2.63
C GLU A 318 9.01 15.19 3.03
N TYR A 319 7.85 14.77 3.51
CA TYR A 319 7.71 13.35 3.85
C TYR A 319 7.88 12.48 2.60
N LEU A 320 7.22 12.85 1.51
CA LEU A 320 7.32 12.08 0.27
C LEU A 320 8.70 12.21 -0.38
N GLY A 321 9.36 13.35 -0.16
CA GLY A 321 10.61 13.62 -0.79
C GLY A 321 10.41 14.18 -2.19
N THR A 322 11.36 15.02 -2.60
CA THR A 322 11.30 15.72 -3.88
C THR A 322 11.32 14.81 -5.09
N GLU A 323 12.10 13.73 -5.04
CA GLU A 323 12.12 12.81 -6.16
C GLU A 323 10.72 12.24 -6.45
N TYR A 324 10.07 11.69 -5.43
CA TYR A 324 8.76 11.07 -5.60
C TYR A 324 7.65 12.06 -5.97
N VAL A 325 7.71 13.28 -5.44
CA VAL A 325 6.68 14.28 -5.75
C VAL A 325 6.76 14.76 -7.20
N THR A 326 7.96 14.81 -7.78
CA THR A 326 8.07 15.25 -9.16
C THR A 326 7.42 14.22 -10.05
N ALA A 327 7.73 12.96 -9.76
CA ALA A 327 7.19 11.85 -10.51
C ALA A 327 5.65 11.88 -10.54
N ILE A 328 5.01 12.00 -9.38
CA ILE A 328 3.54 12.01 -9.31
C ILE A 328 2.96 13.17 -10.10
N ALA A 329 3.59 14.33 -9.97
CA ALA A 329 3.16 15.52 -10.69
C ALA A 329 3.12 15.25 -12.20
N ASN A 330 4.30 14.94 -12.73
CA ASN A 330 4.45 14.69 -14.14
C ASN A 330 3.49 13.63 -14.67
N LEU A 331 3.21 12.61 -13.87
CA LEU A 331 2.29 11.56 -14.31
C LEU A 331 0.82 12.03 -14.32
N LYS A 332 0.47 12.92 -13.40
CA LYS A 332 -0.91 13.40 -13.29
C LYS A 332 -1.28 14.48 -14.32
N LYS A 333 -0.32 14.83 -15.18
CA LYS A 333 -0.56 15.76 -16.28
C LYS A 333 -1.29 14.99 -17.35
N CYS A 334 -1.09 13.69 -17.31
CA CYS A 334 -1.69 12.78 -18.28
C CYS A 334 -3.19 12.58 -18.11
N SER A 335 -3.63 12.44 -16.86
CA SER A 335 -5.06 12.26 -16.63
C SER A 335 -5.57 13.08 -15.45
N LEU A 340 -1.58 21.30 -10.72
CA LEU A 340 -0.80 22.42 -10.21
C LEU A 340 -1.08 22.65 -8.73
N GLU A 341 -2.10 23.46 -8.44
CA GLU A 341 -2.40 23.83 -7.07
C GLU A 341 -3.89 23.82 -6.71
N ALA A 342 -4.42 22.62 -6.43
CA ALA A 342 -5.83 22.47 -6.01
C ALA A 342 -6.16 21.11 -5.40
N CYS A 343 -7.10 21.13 -4.46
CA CYS A 343 -7.59 19.92 -3.81
C CYS A 343 -8.70 19.28 -4.66
N ALA A 344 -8.59 17.97 -4.86
CA ALA A 344 -9.54 17.21 -5.69
C ALA A 344 -10.99 17.27 -5.20
N PHE A 345 -11.18 17.67 -3.95
CA PHE A 345 -12.53 17.71 -3.40
C PHE A 345 -12.93 19.11 -2.93
C1 NAG B . -8.21 5.55 27.65
C2 NAG B . -7.41 4.28 27.94
C3 NAG B . -6.72 4.44 29.28
C4 NAG B . -6.18 5.85 29.57
C5 NAG B . -6.71 6.99 28.67
C6 NAG B . -5.58 7.97 28.37
C7 NAG B . -8.18 2.19 27.00
C8 NAG B . -9.31 1.19 26.94
N2 NAG B . -8.29 3.14 27.92
O3 NAG B . -5.65 3.52 29.34
O4 NAG B . -6.44 6.17 30.92
O5 NAG B . -7.25 6.55 27.46
O6 NAG B . -4.43 7.27 27.97
O7 NAG B . -7.22 2.11 26.23
C1 NAG B . -5.11 6.41 31.41
C2 NAG B . -5.04 7.66 32.30
C3 NAG B . -3.64 7.94 32.83
C4 NAG B . -2.92 6.65 33.25
C5 NAG B . -3.11 5.57 32.19
C6 NAG B . -2.37 4.27 32.54
C7 NAG B . -6.65 9.39 31.80
C8 NAG B . -6.99 10.60 30.98
N2 NAG B . -5.49 8.81 31.54
O3 NAG B . -3.70 8.83 33.93
O4 NAG B . -1.55 6.94 33.43
O5 NAG B . -4.48 5.32 32.05
O6 NAG B . -1.95 3.64 31.35
O7 NAG B . -7.43 8.99 32.66
C1 NAG C . 10.18 11.69 -15.97
C2 NAG C . 10.83 11.30 -14.66
C3 NAG C . 10.85 12.51 -13.72
C4 NAG C . 11.50 13.70 -14.41
C5 NAG C . 10.90 13.87 -15.82
C6 NAG C . 11.61 14.97 -16.61
C7 NAG C . 10.73 9.13 -13.60
C8 NAG C . 9.87 8.05 -13.02
N2 NAG C . 10.09 10.19 -14.10
O3 NAG C . 11.53 12.17 -12.54
O4 NAG C . 11.24 14.87 -13.67
O5 NAG C . 10.97 12.68 -16.57
O6 NAG C . 12.99 14.67 -16.62
O7 NAG C . 11.94 9.03 -13.60
C1 NAG C . 12.61 15.04 -13.32
C2 NAG C . 12.56 16.54 -13.09
C3 NAG C . 13.90 17.13 -12.64
C4 NAG C . 14.74 16.26 -11.70
C5 NAG C . 14.52 14.76 -11.97
C6 NAG C . 15.02 13.92 -10.80
C7 NAG C . 10.94 17.70 -14.48
C8 NAG C . 10.68 18.37 -15.81
N2 NAG C . 12.16 17.20 -14.32
O3 NAG C . 13.66 18.38 -12.02
O4 NAG C . 16.11 16.59 -11.96
O5 NAG C . 13.16 14.44 -12.18
O6 NAG C . 14.02 13.78 -9.83
O7 NAG C . 10.05 17.64 -13.64
C1 MAN C . 16.95 17.07 -10.87
C2 MAN C . 16.26 18.06 -9.93
C3 MAN C . 16.99 19.40 -9.90
C4 MAN C . 18.46 19.22 -9.55
C5 MAN C . 19.08 18.17 -10.47
C6 MAN C . 19.87 17.05 -9.78
O2 MAN C . 16.27 17.54 -8.62
O3 MAN C . 16.36 20.24 -8.95
O4 MAN C . 19.15 20.44 -9.72
O5 MAN C . 18.13 17.66 -11.40
O6 MAN C . 19.38 16.71 -8.49
C1 MAN C . 19.89 20.84 -8.54
C2 MAN C . 21.39 20.51 -8.69
C3 MAN C . 22.35 21.34 -7.83
C4 MAN C . 21.87 22.78 -7.71
C5 MAN C . 20.43 22.74 -7.20
C6 MAN C . 19.92 24.13 -6.82
O2 MAN C . 21.80 20.58 -10.04
O3 MAN C . 23.65 21.31 -8.39
O4 MAN C . 22.69 23.52 -6.83
O5 MAN C . 19.63 22.21 -8.23
O6 MAN C . 18.55 24.03 -6.51
C1 MAN C . 20.16 17.35 -7.45
C2 MAN C . 19.22 17.71 -6.31
C3 MAN C . 19.96 18.33 -5.11
C4 MAN C . 21.20 17.53 -4.77
C5 MAN C . 22.05 17.24 -6.01
C6 MAN C . 23.27 16.39 -5.67
O2 MAN C . 18.49 16.57 -5.92
O3 MAN C . 19.10 18.41 -3.99
O4 MAN C . 21.96 18.26 -3.81
O5 MAN C . 21.27 16.59 -6.99
O6 MAN C . 24.41 16.89 -6.33
C1 NAG D . 12.97 -8.23 1.66
C2 NAG D . 14.08 -7.65 2.52
C3 NAG D . 14.39 -8.64 3.62
C4 NAG D . 13.11 -9.06 4.35
C5 NAG D . 11.92 -9.30 3.42
C6 NAG D . 10.61 -9.37 4.20
C7 NAG D . 15.54 -6.16 1.27
C8 NAG D . 16.52 -6.08 0.15
N2 NAG D . 15.24 -7.39 1.70
O3 NAG D . 15.28 -8.06 4.52
O4 NAG D . 13.36 -10.27 5.00
O5 NAG D . 11.81 -8.27 2.45
O6 NAG D . 10.41 -8.17 4.91
O7 NAG D . 15.04 -5.14 1.76
C1 NAG D . 13.34 -10.12 6.41
C2 NAG D . 13.21 -11.50 7.05
C3 NAG D . 13.60 -11.54 8.53
C4 NAG D . 15.00 -10.93 8.57
C5 NAG D . 14.79 -9.46 8.19
C6 NAG D . 16.02 -8.60 8.40
C7 NAG D . 11.67 -13.09 6.06
C8 NAG D . 10.35 -13.78 6.21
N2 NAG D . 11.87 -12.01 6.81
O3 NAG D . 13.59 -12.87 8.99
O4 NAG D . 15.74 -11.11 9.77
O5 NAG D . 14.47 -9.39 6.83
O6 NAG D . 16.05 -7.64 7.37
O7 NAG D . 12.51 -13.53 5.28
C1 MAN D . 14.94 -11.30 10.95
C2 MAN D . 15.05 -10.09 11.87
C3 MAN D . 15.30 -10.40 13.35
C4 MAN D . 16.25 -11.58 13.61
C5 MAN D . 16.49 -12.40 12.35
C6 MAN D . 16.98 -13.81 12.70
O2 MAN D . 13.86 -9.34 11.76
O3 MAN D . 14.08 -10.65 14.01
O4 MAN D . 17.46 -11.14 14.21
O5 MAN D . 15.26 -12.50 11.64
O6 MAN D . 16.89 -14.03 14.08
C1 MAN D . 18.41 -10.55 13.29
C2 MAN D . 19.03 -9.31 13.95
C3 MAN D . 20.27 -8.77 13.23
C4 MAN D . 21.19 -9.87 12.69
C5 MAN D . 20.33 -10.91 11.97
C6 MAN D . 21.13 -12.05 11.36
O2 MAN D . 19.34 -9.59 15.30
O3 MAN D . 20.98 -7.94 14.12
O4 MAN D . 22.11 -9.27 11.80
O5 MAN D . 19.41 -11.46 12.89
O6 MAN D . 20.27 -13.04 10.85
C1 MAN D . 23.52 -9.56 12.03
C2 MAN D . 24.04 -9.18 13.41
C3 MAN D . 25.56 -9.30 13.44
C4 MAN D . 26.02 -10.66 12.91
C5 MAN D . 25.32 -10.99 11.59
C6 MAN D . 25.68 -12.40 11.09
O2 MAN D . 23.49 -10.01 14.40
O3 MAN D . 26.02 -9.12 14.76
O4 MAN D . 27.42 -10.68 12.70
O5 MAN D . 23.92 -10.90 11.75
O6 MAN D . 26.57 -12.31 9.99
C1 MAN D . 28.14 -10.97 13.92
C2 MAN D . 29.58 -10.48 13.78
C3 MAN D . 30.43 -11.39 12.90
C4 MAN D . 30.15 -12.87 13.12
C5 MAN D . 28.65 -13.14 13.25
C6 MAN D . 28.36 -14.61 13.54
O2 MAN D . 30.17 -10.35 15.05
O3 MAN D . 31.80 -11.14 13.17
O4 MAN D . 30.64 -13.62 12.03
O5 MAN D . 28.12 -12.33 14.27
O6 MAN D . 27.86 -15.21 12.37
C1 NAG E . 21.29 15.67 5.14
C2 NAG E . 21.61 14.98 3.82
C3 NAG E . 20.32 14.45 3.22
C4 NAG E . 19.85 13.44 4.23
C5 NAG E . 19.48 14.12 5.55
C6 NAG E . 19.10 13.14 6.66
C7 NAG E . 23.37 15.49 2.21
C8 NAG E . 23.98 16.53 1.32
N2 NAG E . 22.28 15.88 2.90
O3 NAG E . 20.58 13.77 2.02
O4 NAG E . 19.00 12.41 3.68
O5 NAG E . 20.64 14.78 6.03
O6 NAG E . 20.25 12.40 7.03
O7 NAG E . 23.86 14.37 2.29
C1 NAG E . 17.69 11.81 3.48
C2 NAG E . 17.42 10.32 3.10
C3 NAG E . 16.05 9.72 3.44
C4 NAG E . 15.33 10.45 4.57
C5 NAG E . 15.49 11.98 4.50
C6 NAG E . 14.99 12.61 5.80
C7 NAG E . 19.03 9.46 1.45
C8 NAG E . 19.20 8.80 0.10
N2 NAG E . 17.82 9.96 1.74
O3 NAG E . 16.33 8.41 3.89
O4 NAG E . 13.96 10.14 4.84
O5 NAG E . 16.83 12.36 4.44
O6 NAG E . 16.05 12.69 6.74
O7 NAG E . 19.99 9.53 2.21
C1 NAG E . 12.98 9.86 3.79
C2 NAG E . 12.67 11.02 2.84
C3 NAG E . 11.55 10.66 1.88
C4 NAG E . 11.73 9.28 1.26
C5 NAG E . 12.10 8.26 2.33
C6 NAG E . 12.46 6.94 1.65
C7 NAG E . 12.95 13.36 3.26
C8 NAG E . 12.63 14.57 4.09
N2 NAG E . 12.27 12.24 3.52
O3 NAG E . 11.52 11.61 0.85
O4 NAG E . 10.55 8.88 0.62
O5 NAG E . 13.23 8.69 3.05
O6 NAG E . 13.78 7.07 1.16
O7 NAG E . 13.81 13.41 2.39
FE FE F . 2.51 1.20 -0.83
C CO3 G . 1.51 0.53 -2.81
O1 CO3 G . 0.76 0.48 -1.74
O2 CO3 G . 2.74 0.96 -2.78
O3 CO3 G . 1.05 0.17 -3.97
ZN ZN H . 10.39 21.12 7.04
ZN ZN I . 17.69 2.27 -6.03
S SO4 J . 15.81 -16.43 -15.77
O1 SO4 J . 15.54 -15.24 -14.98
O2 SO4 J . 16.79 -16.09 -16.80
O3 SO4 J . 16.32 -17.47 -14.89
O4 SO4 J . 14.56 -16.86 -16.40
#